data_4ZGO
#
_entry.id   4ZGO
#
_cell.length_a   85.600
_cell.length_b   91.710
_cell.length_c   86.240
_cell.angle_alpha   90.00
_cell.angle_beta   93.53
_cell.angle_gamma   90.00
#
_symmetry.space_group_name_H-M   'C 1 2 1'
#
loop_
_entity.id
_entity.type
_entity.pdbx_description
1 polymer 'Cell division cycle protein 123'
2 water water
#
_entity_poly.entity_id   1
_entity_poly.type   'polypeptide(L)'
_entity_poly.pdbx_seq_one_letter_code
;MGSSHHHHHHSSGLVPRGSHMTLILTKNQVLHCQFSSWYSLFRKLTPKAKVIKPIPATVLKYLHEDSIYVEQPMNTVEEV
DSEEDEESAPAYYPEREAIQLIEKAIKELGGAVVPKLNWSTPKDALWITTTGSLKCTTAEEVLLLLKSSDFVAHDLNHAF
DDCKDFDNADGSVPKDFSFELVLKEWFPMHASTEFRCFVKSKRLIAFCQRDDNYYEFLKENIDCYEKLISDLLKKLDTFP
DPDFVFDVYIHKDRAWLIDINPFYPRTDGLLFSWSELESMNSENMKPEIRLIPKGSMPSTGSAKYYTNRVPFDMIAASEG
ENLLEFAQKWQDLTNKSNE
;
_entity_poly.pdbx_strand_id   A,B
#
# COMPACT_ATOMS: atom_id res chain seq x y z
N THR A 22 12.72 25.57 -11.53
CA THR A 22 11.46 24.94 -11.17
C THR A 22 10.90 24.20 -12.40
N LEU A 23 10.35 23.01 -12.17
CA LEU A 23 10.10 22.06 -13.27
C LEU A 23 8.65 21.85 -13.61
N ILE A 24 8.33 21.92 -14.89
CA ILE A 24 6.96 21.61 -15.29
C ILE A 24 6.89 20.31 -16.09
N LEU A 25 5.73 19.66 -15.99
CA LEU A 25 5.47 18.40 -16.67
C LEU A 25 4.51 18.63 -17.81
N THR A 26 4.91 18.32 -19.04
CA THR A 26 3.95 18.46 -20.13
C THR A 26 3.26 17.15 -20.52
N LYS A 27 2.15 17.29 -21.22
CA LYS A 27 1.42 16.14 -21.72
C LYS A 27 2.31 15.29 -22.62
N ASN A 28 3.10 15.93 -23.47
CA ASN A 28 3.99 15.19 -24.37
C ASN A 28 5.13 14.46 -23.66
N GLN A 29 5.61 15.03 -22.56
CA GLN A 29 6.60 14.37 -21.73
C GLN A 29 6.09 13.03 -21.17
N VAL A 30 4.83 12.99 -20.77
CA VAL A 30 4.24 11.78 -20.20
C VAL A 30 4.02 10.74 -21.32
N LEU A 31 3.61 11.21 -22.50
CA LEU A 31 3.43 10.37 -23.68
C LEU A 31 4.72 9.71 -24.14
N HIS A 32 5.83 10.46 -24.10
CA HIS A 32 7.14 9.96 -24.52
C HIS A 32 7.69 8.84 -23.65
N CYS A 33 7.24 8.78 -22.41
CA CYS A 33 7.69 7.76 -21.47
C CYS A 33 6.77 6.51 -21.43
N GLN A 34 5.72 6.50 -22.24
CA GLN A 34 4.94 5.27 -22.49
C GLN A 34 5.84 4.14 -22.97
N PHE A 35 5.70 2.94 -22.39
CA PHE A 35 6.53 1.80 -22.83
C PHE A 35 6.50 1.63 -24.36
N SER A 36 5.33 1.72 -24.97
CA SER A 36 5.30 1.51 -26.43
C SER A 36 6.09 2.60 -27.16
N SER A 37 6.14 3.81 -26.60
CA SER A 37 6.85 4.87 -27.28
C SER A 37 8.33 4.56 -27.28
N TRP A 38 8.94 4.35 -26.11
CA TRP A 38 10.40 4.21 -26.11
C TRP A 38 10.90 2.78 -26.41
N TYR A 39 10.06 1.76 -26.26
CA TYR A 39 10.54 0.39 -26.56
C TYR A 39 10.90 0.26 -28.04
N SER A 40 10.11 0.84 -28.93
CA SER A 40 10.46 0.84 -30.36
C SER A 40 11.79 1.54 -30.63
N LEU A 41 12.03 2.65 -29.93
CA LEU A 41 13.31 3.36 -30.06
C LEU A 41 14.49 2.48 -29.65
N PHE A 42 14.32 1.75 -28.54
CA PHE A 42 15.44 1.12 -27.85
C PHE A 42 15.34 -0.40 -27.69
N ARG A 43 14.48 -1.02 -28.51
CA ARG A 43 14.29 -2.48 -28.56
C ARG A 43 15.59 -3.27 -28.38
N LYS A 44 16.69 -2.78 -28.94
CA LYS A 44 17.93 -3.56 -28.91
C LYS A 44 18.70 -3.37 -27.62
N LEU A 45 18.25 -2.45 -26.76
CA LEU A 45 19.01 -2.11 -25.55
C LEU A 45 18.35 -2.64 -24.29
N THR A 46 17.19 -3.25 -24.47
CA THR A 46 16.30 -3.50 -23.35
C THR A 46 15.80 -4.96 -23.44
N PRO A 47 15.53 -5.61 -22.29
CA PRO A 47 15.00 -6.99 -22.29
C PRO A 47 13.77 -7.13 -23.15
N LYS A 48 13.61 -8.29 -23.76
CA LYS A 48 12.53 -8.52 -24.72
C LYS A 48 11.15 -8.27 -24.17
N ALA A 49 10.25 -7.74 -24.98
CA ALA A 49 8.89 -7.53 -24.50
C ALA A 49 7.83 -7.66 -25.59
N LYS A 50 6.59 -7.84 -25.16
CA LYS A 50 5.47 -7.73 -26.06
C LYS A 50 4.46 -6.71 -25.53
N VAL A 51 3.77 -6.04 -26.44
CA VAL A 51 2.82 -5.03 -26.06
C VAL A 51 1.45 -5.30 -26.65
N ILE A 52 0.43 -5.30 -25.83
CA ILE A 52 -0.91 -5.45 -26.32
C ILE A 52 -1.58 -4.11 -26.30
N LYS A 53 -1.77 -3.55 -27.47
CA LYS A 53 -2.25 -2.18 -27.59
C LYS A 53 -3.23 -2.02 -28.74
N PRO A 54 -4.44 -1.51 -28.47
CA PRO A 54 -4.90 -1.03 -27.17
C PRO A 54 -5.24 -2.17 -26.21
N ILE A 55 -5.37 -1.86 -24.93
CA ILE A 55 -5.68 -2.89 -23.98
C ILE A 55 -7.11 -3.36 -24.25
N PRO A 56 -7.33 -4.68 -24.25
CA PRO A 56 -8.70 -5.22 -24.36
C PRO A 56 -9.64 -4.52 -23.40
N ALA A 57 -10.74 -3.99 -23.89
CA ALA A 57 -11.65 -3.20 -23.04
C ALA A 57 -12.12 -4.01 -21.82
N THR A 58 -12.04 -5.34 -21.96
CA THR A 58 -12.52 -6.27 -20.97
C THR A 58 -11.45 -6.48 -19.88
N VAL A 59 -10.18 -6.39 -20.25
CA VAL A 59 -9.10 -6.38 -19.27
C VAL A 59 -9.10 -5.06 -18.51
N LEU A 60 -9.31 -3.99 -19.26
CA LEU A 60 -9.39 -2.65 -18.69
C LEU A 60 -10.52 -2.55 -17.66
N LYS A 61 -11.64 -3.21 -17.92
CA LYS A 61 -12.76 -3.19 -16.98
C LYS A 61 -12.40 -3.97 -15.71
N TYR A 62 -11.74 -5.11 -15.90
CA TYR A 62 -11.33 -5.95 -14.78
C TYR A 62 -10.37 -5.21 -13.84
N LEU A 63 -9.47 -4.42 -14.44
CA LEU A 63 -8.43 -3.76 -13.68
C LEU A 63 -8.97 -2.63 -12.81
N HIS A 64 -10.05 -1.98 -13.25
CA HIS A 64 -10.64 -0.89 -12.49
C HIS A 64 -11.37 -1.34 -11.21
N GLU A 65 -11.45 -2.66 -11.00
CA GLU A 65 -12.18 -3.19 -9.84
C GLU A 65 -11.43 -3.00 -8.53
N ASP A 66 -11.98 -2.16 -7.67
CA ASP A 66 -11.35 -1.77 -6.42
C ASP A 66 -11.68 -2.67 -5.23
N SER A 67 -12.16 -3.89 -5.50
CA SER A 67 -12.49 -4.80 -4.43
C SER A 67 -11.22 -5.28 -3.73
N ILE A 68 -11.29 -5.43 -2.41
CA ILE A 68 -10.13 -5.83 -1.63
C ILE A 68 -10.05 -7.33 -1.40
N TYR A 69 -11.15 -8.04 -1.66
CA TYR A 69 -11.27 -9.46 -1.31
C TYR A 69 -10.72 -10.41 -2.36
N VAL A 70 -10.52 -11.67 -1.97
CA VAL A 70 -10.04 -12.68 -2.92
C VAL A 70 -11.15 -13.63 -3.37
N TYR A 92 -16.38 -10.67 -11.78
CA TYR A 92 -16.08 -10.32 -13.17
C TYR A 92 -14.68 -10.75 -13.57
N TYR A 93 -14.51 -11.10 -14.84
CA TYR A 93 -13.22 -11.53 -15.38
C TYR A 93 -13.12 -11.18 -16.88
N PRO A 94 -11.90 -10.91 -17.37
CA PRO A 94 -11.67 -10.72 -18.82
C PRO A 94 -12.12 -11.92 -19.63
N GLU A 95 -12.99 -11.70 -20.63
CA GLU A 95 -13.45 -12.81 -21.49
C GLU A 95 -12.26 -13.47 -22.19
N ARG A 96 -12.35 -14.78 -22.38
CA ARG A 96 -11.18 -15.63 -22.69
C ARG A 96 -10.52 -15.25 -24.02
N GLU A 97 -11.21 -14.49 -24.84
CA GLU A 97 -10.55 -13.90 -26.00
C GLU A 97 -9.32 -13.10 -25.53
N ALA A 98 -9.54 -12.25 -24.53
CA ALA A 98 -8.46 -11.45 -23.94
C ALA A 98 -7.46 -12.32 -23.20
N ILE A 99 -7.94 -13.30 -22.45
CA ILE A 99 -7.07 -14.21 -21.69
C ILE A 99 -6.07 -14.91 -22.58
N GLN A 100 -6.54 -15.37 -23.74
CA GLN A 100 -5.69 -16.15 -24.63
C GLN A 100 -4.64 -15.28 -25.29
N LEU A 101 -5.00 -14.04 -25.55
CA LEU A 101 -4.03 -13.06 -26.07
C LEU A 101 -2.82 -12.88 -25.13
N ILE A 102 -3.09 -12.67 -23.85
CA ILE A 102 -2.06 -12.61 -22.82
C ILE A 102 -1.22 -13.89 -22.75
N GLU A 103 -1.90 -15.03 -22.82
CA GLU A 103 -1.24 -16.32 -22.71
C GLU A 103 -0.24 -16.57 -23.83
N LYS A 104 -0.60 -16.11 -25.03
CA LYS A 104 0.27 -16.22 -26.19
C LYS A 104 1.58 -15.44 -25.99
N ALA A 105 1.43 -14.19 -25.54
CA ALA A 105 2.58 -13.36 -25.24
C ALA A 105 3.52 -14.08 -24.28
N ILE A 106 2.99 -14.59 -23.16
CA ILE A 106 3.84 -15.30 -22.19
C ILE A 106 4.60 -16.46 -22.84
N LYS A 107 3.92 -17.15 -23.75
CA LYS A 107 4.52 -18.27 -24.47
C LYS A 107 5.67 -17.78 -25.31
N GLU A 108 5.39 -16.79 -26.15
CA GLU A 108 6.45 -16.24 -27.02
C GLU A 108 7.65 -15.73 -26.25
N LEU A 109 7.44 -15.21 -25.04
CA LEU A 109 8.54 -14.65 -24.24
C LEU A 109 9.28 -15.68 -23.41
N GLY A 110 8.82 -16.94 -23.46
CA GLY A 110 9.49 -18.01 -22.74
C GLY A 110 8.73 -18.54 -21.52
N GLY A 111 7.47 -18.13 -21.38
CA GLY A 111 6.68 -18.63 -20.26
C GLY A 111 6.75 -17.91 -18.91
N ALA A 112 7.68 -16.96 -18.75
CA ALA A 112 7.79 -16.22 -17.48
C ALA A 112 7.97 -14.72 -17.76
N VAL A 113 7.05 -13.89 -17.27
CA VAL A 113 7.08 -12.47 -17.59
C VAL A 113 6.87 -11.54 -16.38
N VAL A 114 7.21 -10.27 -16.58
CA VAL A 114 6.84 -9.16 -15.69
C VAL A 114 5.91 -8.23 -16.45
N PRO A 115 4.71 -8.02 -15.93
CA PRO A 115 3.71 -7.21 -16.61
C PRO A 115 3.73 -5.75 -16.15
N LYS A 116 3.30 -4.82 -16.98
CA LYS A 116 3.06 -3.44 -16.57
C LYS A 116 2.09 -2.81 -17.57
N LEU A 117 1.45 -1.70 -17.20
CA LEU A 117 0.77 -0.91 -18.20
C LEU A 117 1.74 0.11 -18.83
N ASN A 118 1.23 1.24 -19.32
CA ASN A 118 2.05 2.20 -20.10
C ASN A 118 3.34 2.68 -19.38
N TRP A 119 3.26 2.92 -18.08
CA TRP A 119 4.39 3.54 -17.35
C TRP A 119 4.90 2.72 -16.19
N SER A 120 4.01 2.24 -15.31
CA SER A 120 4.48 1.71 -14.03
C SER A 120 4.45 0.18 -13.86
N THR A 121 5.56 -0.33 -13.35
CA THR A 121 5.69 -1.72 -12.97
C THR A 121 5.04 -1.87 -11.60
N PRO A 122 4.26 -2.95 -11.41
CA PRO A 122 3.54 -3.16 -10.15
C PRO A 122 4.45 -3.65 -9.02
N LYS A 123 5.54 -2.91 -8.78
CA LYS A 123 6.52 -3.31 -7.77
C LYS A 123 5.91 -3.23 -6.38
N ASP A 124 4.78 -2.55 -6.25
CA ASP A 124 4.12 -2.40 -4.96
C ASP A 124 3.28 -3.61 -4.59
N ALA A 125 2.86 -4.37 -5.59
CA ALA A 125 1.92 -5.45 -5.35
C ALA A 125 2.59 -6.77 -5.07
N LEU A 126 3.79 -6.74 -4.49
CA LEU A 126 4.48 -7.98 -4.16
C LEU A 126 3.72 -8.76 -3.09
N TRP A 127 2.80 -8.08 -2.41
CA TRP A 127 2.01 -8.70 -1.35
C TRP A 127 0.80 -9.50 -1.85
N ILE A 128 0.45 -9.39 -3.12
CA ILE A 128 -0.58 -10.28 -3.64
C ILE A 128 0.03 -11.62 -4.07
N THR A 129 1.35 -11.67 -4.17
CA THR A 129 1.99 -12.88 -4.65
C THR A 129 2.44 -13.76 -3.50
N THR A 130 2.23 -15.05 -3.67
CA THR A 130 2.77 -16.04 -2.74
C THR A 130 4.29 -16.05 -2.84
N THR A 131 4.77 -15.86 -4.07
CA THR A 131 6.19 -15.97 -4.41
C THR A 131 7.03 -14.79 -3.91
N GLY A 132 6.38 -13.67 -3.65
CA GLY A 132 7.08 -12.44 -3.37
C GLY A 132 7.86 -12.00 -4.60
N SER A 133 7.31 -12.23 -5.78
CA SER A 133 8.04 -11.94 -7.01
C SER A 133 7.13 -11.29 -8.02
N LEU A 134 7.74 -10.58 -8.96
CA LEU A 134 6.99 -10.05 -10.09
C LEU A 134 6.82 -11.12 -11.20
N LYS A 135 7.60 -12.20 -11.09
CA LYS A 135 7.54 -13.30 -12.07
C LYS A 135 6.13 -13.85 -12.18
N CYS A 136 5.53 -13.75 -13.37
CA CYS A 136 4.24 -14.38 -13.66
C CYS A 136 4.39 -15.42 -14.77
N THR A 137 3.69 -16.56 -14.66
CA THR A 137 3.80 -17.62 -15.69
C THR A 137 2.46 -17.94 -16.33
N THR A 138 1.40 -17.34 -15.81
CA THR A 138 0.08 -17.50 -16.39
C THR A 138 -0.63 -16.18 -16.46
N ALA A 139 -1.67 -16.13 -17.30
CA ALA A 139 -2.49 -14.95 -17.45
C ALA A 139 -3.15 -14.53 -16.14
N GLU A 140 -3.52 -15.53 -15.35
CA GLU A 140 -4.12 -15.29 -14.03
C GLU A 140 -3.15 -14.58 -13.08
N GLU A 141 -1.90 -15.02 -13.06
CA GLU A 141 -0.88 -14.39 -12.22
C GLU A 141 -0.69 -12.93 -12.66
N VAL A 142 -0.62 -12.71 -13.97
CA VAL A 142 -0.50 -11.37 -14.53
C VAL A 142 -1.61 -10.43 -14.10
N LEU A 143 -2.86 -10.86 -14.28
CA LEU A 143 -4.00 -10.00 -14.03
C LEU A 143 -4.18 -9.71 -12.56
N LEU A 144 -3.88 -10.72 -11.74
CA LEU A 144 -3.97 -10.56 -10.29
C LEU A 144 -2.99 -9.49 -9.83
N LEU A 145 -1.73 -9.65 -10.25
CA LEU A 145 -0.67 -8.73 -9.87
C LEU A 145 -0.99 -7.30 -10.31
N LEU A 146 -1.46 -7.14 -11.53
CA LEU A 146 -1.80 -5.82 -12.02
C LEU A 146 -3.02 -5.25 -11.34
N LYS A 147 -4.01 -6.10 -11.04
CA LYS A 147 -5.23 -5.62 -10.40
C LYS A 147 -4.95 -5.15 -8.98
N SER A 148 -3.93 -5.72 -8.34
CA SER A 148 -3.63 -5.43 -6.95
C SER A 148 -2.68 -4.25 -6.73
N SER A 149 -2.24 -3.59 -7.79
CA SER A 149 -1.19 -2.55 -7.67
C SER A 149 -1.69 -1.10 -7.66
N ASP A 150 -1.16 -0.27 -6.75
CA ASP A 150 -1.47 1.18 -6.72
C ASP A 150 -0.83 1.94 -7.87
N PHE A 151 0.37 1.49 -8.26
CA PHE A 151 1.09 2.11 -9.37
C PHE A 151 0.29 1.97 -10.65
N VAL A 152 -0.20 0.77 -10.91
CA VAL A 152 -1.06 0.51 -12.06
C VAL A 152 -2.34 1.33 -11.97
N ALA A 153 -2.93 1.32 -10.77
CA ALA A 153 -4.11 2.15 -10.51
C ALA A 153 -3.80 3.60 -10.83
N HIS A 154 -2.62 4.07 -10.41
CA HIS A 154 -2.20 5.44 -10.71
C HIS A 154 -2.12 5.69 -12.20
N ASP A 155 -1.59 4.72 -12.94
CA ASP A 155 -1.52 4.86 -14.40
C ASP A 155 -2.92 5.06 -15.00
N LEU A 156 -3.92 4.39 -14.43
CA LEU A 156 -5.25 4.39 -15.04
C LEU A 156 -6.07 5.64 -14.74
N ASN A 157 -5.91 6.21 -13.55
CA ASN A 157 -6.76 7.32 -13.13
C ASN A 157 -6.08 8.69 -12.95
N HIS A 158 -4.75 8.72 -12.90
CA HIS A 158 -4.03 9.94 -12.50
C HIS A 158 -2.84 10.26 -13.41
N ALA A 159 -2.73 9.59 -14.55
CA ALA A 159 -1.50 9.64 -15.34
C ALA A 159 -1.13 11.03 -15.83
N PHE A 160 -2.14 11.84 -16.14
CA PHE A 160 -1.89 13.15 -16.75
C PHE A 160 -2.23 14.25 -15.77
N ASP A 161 -2.27 13.89 -14.49
CA ASP A 161 -2.66 14.81 -13.42
C ASP A 161 -1.78 16.06 -13.33
N ASP A 162 -0.48 15.87 -13.38
CA ASP A 162 0.43 16.98 -13.11
C ASP A 162 0.68 17.81 -14.36
N CYS A 163 0.06 17.43 -15.46
CA CYS A 163 0.38 18.06 -16.73
C CYS A 163 -0.15 19.47 -16.87
N LYS A 164 0.80 20.36 -17.12
CA LYS A 164 0.54 21.77 -17.41
C LYS A 164 -0.49 22.00 -18.51
N ASP A 165 -0.22 21.44 -19.69
CA ASP A 165 -0.95 21.75 -20.91
C ASP A 165 -2.06 20.75 -21.23
N PHE A 166 -2.62 20.12 -20.20
CA PHE A 166 -3.72 19.20 -20.42
C PHE A 166 -4.57 19.04 -19.16
N ASP A 167 -5.85 19.40 -19.26
CA ASP A 167 -6.78 19.31 -18.13
C ASP A 167 -7.63 18.03 -18.21
N ASN A 168 -7.40 17.15 -17.23
CA ASN A 168 -8.07 15.85 -17.15
C ASN A 168 -9.00 15.72 -15.95
N ALA A 169 -9.41 16.86 -15.39
CA ALA A 169 -10.30 16.85 -14.24
C ALA A 169 -11.67 16.26 -14.59
N ASP A 170 -12.02 16.31 -15.87
CA ASP A 170 -13.24 15.68 -16.37
C ASP A 170 -13.01 14.18 -16.63
N GLY A 171 -11.82 13.69 -16.31
CA GLY A 171 -11.48 12.28 -16.47
C GLY A 171 -11.06 11.90 -17.87
N SER A 172 -10.82 12.88 -18.74
CA SER A 172 -10.46 12.62 -20.14
C SER A 172 -8.95 12.45 -20.33
N VAL A 173 -8.57 12.04 -21.54
CA VAL A 173 -7.19 11.76 -21.89
C VAL A 173 -6.88 12.32 -23.29
N PRO A 174 -5.59 12.51 -23.61
CA PRO A 174 -5.15 13.01 -24.92
C PRO A 174 -5.72 12.23 -26.09
N LYS A 175 -5.67 12.82 -27.29
CA LYS A 175 -6.11 12.15 -28.50
C LYS A 175 -5.11 11.07 -28.89
N ASP A 176 -5.62 9.99 -29.48
CA ASP A 176 -4.79 8.89 -29.98
C ASP A 176 -4.06 8.13 -28.87
N PHE A 177 -4.24 8.57 -27.63
CA PHE A 177 -3.76 7.81 -26.50
C PHE A 177 -4.61 6.57 -26.25
N SER A 178 -3.96 5.45 -25.98
CA SER A 178 -4.65 4.26 -25.48
C SER A 178 -3.84 3.63 -24.37
N PHE A 179 -4.52 3.07 -23.36
CA PHE A 179 -3.84 2.23 -22.40
C PHE A 179 -3.29 0.99 -23.09
N GLU A 180 -2.17 0.45 -22.60
CA GLU A 180 -1.57 -0.74 -23.21
C GLU A 180 -1.16 -1.76 -22.13
N LEU A 181 -1.07 -3.03 -22.51
CA LEU A 181 -0.59 -4.04 -21.58
C LEU A 181 0.73 -4.60 -22.07
N VAL A 182 1.74 -4.53 -21.21
CA VAL A 182 3.11 -4.84 -21.56
C VAL A 182 3.52 -6.08 -20.82
N LEU A 183 4.15 -7.03 -21.50
CA LEU A 183 4.69 -8.21 -20.85
C LEU A 183 6.17 -8.19 -21.16
N LYS A 184 7.03 -8.10 -20.14
CA LYS A 184 8.47 -8.15 -20.39
C LYS A 184 8.97 -9.51 -20.01
N GLU A 185 9.99 -9.98 -20.72
CA GLU A 185 10.61 -11.24 -20.38
C GLU A 185 11.14 -11.18 -18.97
N TRP A 186 10.79 -12.16 -18.14
CA TRP A 186 11.31 -12.18 -16.79
C TRP A 186 12.74 -12.70 -16.76
N PHE A 187 13.53 -12.21 -15.81
CA PHE A 187 14.85 -12.76 -15.57
C PHE A 187 15.33 -12.42 -14.17
N PRO A 188 16.18 -13.27 -13.59
CA PRO A 188 16.63 -12.97 -12.22
C PRO A 188 17.64 -11.83 -12.24
N MET A 189 17.29 -10.75 -11.57
CA MET A 189 18.08 -9.55 -11.59
C MET A 189 18.72 -9.37 -10.23
N HIS A 190 20.01 -9.03 -10.21
CA HIS A 190 20.67 -8.61 -8.98
C HIS A 190 20.22 -7.17 -8.66
N ALA A 191 19.36 -7.03 -7.66
CA ALA A 191 18.73 -5.74 -7.35
C ALA A 191 19.73 -4.60 -7.10
N SER A 192 20.94 -4.95 -6.65
CA SER A 192 21.92 -3.94 -6.28
C SER A 192 22.81 -3.46 -7.41
N THR A 193 22.69 -4.05 -8.60
CA THR A 193 23.46 -3.54 -9.72
C THR A 193 22.52 -2.92 -10.76
N GLU A 194 21.39 -2.42 -10.26
CA GLU A 194 20.48 -1.61 -11.05
C GLU A 194 20.68 -0.16 -10.62
N PHE A 195 20.65 0.79 -11.56
CA PHE A 195 20.86 2.22 -11.24
C PHE A 195 19.76 3.12 -11.81
N ARG A 196 19.51 4.25 -11.15
CA ARG A 196 18.64 5.26 -11.70
C ARG A 196 19.47 6.46 -12.16
N CYS A 197 19.24 6.95 -13.38
CA CYS A 197 20.18 7.81 -14.09
C CYS A 197 19.48 9.04 -14.60
N PHE A 198 20.01 10.21 -14.22
CA PHE A 198 19.30 11.46 -14.43
C PHE A 198 19.99 12.24 -15.53
N VAL A 199 19.18 12.65 -16.50
CA VAL A 199 19.71 13.30 -17.70
C VAL A 199 19.12 14.70 -17.80
N LYS A 200 19.98 15.70 -18.00
CA LYS A 200 19.51 17.08 -18.21
C LYS A 200 20.27 17.69 -19.38
N SER A 201 19.52 18.32 -20.28
CA SER A 201 20.07 18.79 -21.55
C SER A 201 20.97 17.78 -22.22
N LYS A 202 20.48 16.53 -22.31
CA LYS A 202 21.16 15.42 -23.00
C LYS A 202 22.49 15.02 -22.32
N ARG A 203 22.70 15.43 -21.08
CA ARG A 203 23.91 15.02 -20.38
C ARG A 203 23.60 14.28 -19.07
N LEU A 204 24.45 13.32 -18.73
CA LEU A 204 24.35 12.63 -17.46
C LEU A 204 24.84 13.48 -16.29
N ILE A 205 23.91 14.00 -15.49
CA ILE A 205 24.27 14.85 -14.35
C ILE A 205 24.45 14.06 -13.05
N ALA A 206 23.80 12.89 -12.97
CA ALA A 206 23.78 12.08 -11.73
C ALA A 206 23.28 10.64 -11.93
N PHE A 207 23.69 9.74 -11.06
CA PHE A 207 23.02 8.44 -11.03
C PHE A 207 23.25 7.87 -9.67
N CYS A 208 22.34 7.02 -9.21
CA CYS A 208 22.46 6.38 -7.93
C CYS A 208 22.01 4.93 -7.98
N GLN A 209 22.43 4.16 -6.99
CA GLN A 209 21.95 2.81 -6.82
C GLN A 209 20.42 2.83 -6.75
N ARG A 210 19.76 1.91 -7.46
CA ARG A 210 18.30 1.95 -7.55
C ARG A 210 17.61 1.36 -6.32
N ASP A 211 18.23 0.34 -5.71
CA ASP A 211 17.63 -0.35 -4.57
C ASP A 211 18.18 0.25 -3.29
N ASP A 212 17.85 -0.32 -2.15
CA ASP A 212 18.22 0.32 -0.89
C ASP A 212 19.02 -0.55 0.07
N ASN A 213 19.62 -1.62 -0.44
CA ASN A 213 20.43 -2.45 0.43
C ASN A 213 21.89 -2.30 0.06
N TYR A 214 22.72 -2.15 1.09
CA TYR A 214 24.15 -1.97 0.90
C TYR A 214 24.75 -3.11 0.08
N TYR A 215 25.71 -2.78 -0.77
CA TYR A 215 26.39 -3.78 -1.58
C TYR A 215 27.86 -3.42 -1.63
N GLU A 216 28.70 -4.21 -0.96
CA GLU A 216 30.16 -4.04 -1.02
C GLU A 216 30.61 -3.71 -2.43
N PHE A 217 30.33 -4.64 -3.34
CA PHE A 217 30.89 -4.68 -4.68
C PHE A 217 30.84 -3.38 -5.46
N LEU A 218 29.78 -2.60 -5.28
CA LEU A 218 29.59 -1.42 -6.12
C LEU A 218 30.73 -0.42 -6.01
N LYS A 219 31.14 -0.12 -4.78
CA LYS A 219 32.02 1.03 -4.61
C LYS A 219 33.45 0.76 -5.09
N GLU A 220 33.86 -0.51 -5.16
CA GLU A 220 35.19 -0.87 -5.65
C GLU A 220 35.21 -0.91 -7.16
N ASN A 221 34.04 -0.69 -7.78
CA ASN A 221 33.92 -0.83 -9.22
C ASN A 221 33.19 0.32 -9.90
N ILE A 222 32.96 1.39 -9.15
CA ILE A 222 32.08 2.46 -9.60
C ILE A 222 32.49 3.11 -10.93
N ASP A 223 33.79 3.21 -11.20
CA ASP A 223 34.22 3.80 -12.47
C ASP A 223 33.78 2.96 -13.68
N CYS A 224 33.86 1.64 -13.52
CA CYS A 224 33.41 0.71 -14.55
C CYS A 224 31.91 0.94 -14.82
N TYR A 225 31.14 1.12 -13.76
CA TYR A 225 29.69 1.33 -13.90
C TYR A 225 29.37 2.66 -14.59
N GLU A 226 30.06 3.73 -14.19
CA GLU A 226 29.88 5.02 -14.84
C GLU A 226 30.11 4.98 -16.35
N LYS A 227 31.16 4.30 -16.79
CA LYS A 227 31.48 4.19 -18.22
C LYS A 227 30.36 3.53 -19.02
N LEU A 228 29.88 2.40 -18.53
CA LEU A 228 28.79 1.67 -19.19
C LEU A 228 27.52 2.50 -19.23
N ILE A 229 27.25 3.22 -18.14
CA ILE A 229 26.06 4.05 -18.10
C ILE A 229 26.21 5.19 -19.11
N SER A 230 27.37 5.82 -19.13
CA SER A 230 27.54 6.97 -20.02
C SER A 230 27.58 6.50 -21.49
N ASP A 231 28.15 5.32 -21.76
CA ASP A 231 28.00 4.72 -23.10
C ASP A 231 26.54 4.42 -23.51
N LEU A 232 25.71 3.96 -22.59
CA LEU A 232 24.33 3.67 -22.95
C LEU A 232 23.55 4.95 -23.30
N LEU A 233 23.79 6.03 -22.55
CA LEU A 233 23.12 7.29 -22.83
C LEU A 233 23.36 7.76 -24.27
N LYS A 234 24.58 7.54 -24.75
CA LYS A 234 24.93 7.84 -26.12
C LYS A 234 23.92 7.25 -27.09
N LYS A 235 23.45 6.05 -26.75
CA LYS A 235 22.55 5.33 -27.63
C LYS A 235 21.13 5.76 -27.42
N LEU A 236 20.92 6.61 -26.41
CA LEU A 236 19.57 7.05 -26.13
C LEU A 236 19.35 8.40 -26.82
N ASP A 237 20.21 8.73 -27.78
CA ASP A 237 20.15 10.08 -28.37
C ASP A 237 18.89 10.31 -29.19
N THR A 238 18.10 9.27 -29.42
CA THR A 238 16.81 9.41 -30.10
C THR A 238 15.63 9.75 -29.18
N PHE A 239 15.79 9.58 -27.87
CA PHE A 239 14.73 10.03 -26.99
C PHE A 239 14.44 11.52 -27.24
N PRO A 240 13.16 11.88 -27.40
CA PRO A 240 12.77 13.20 -27.92
C PRO A 240 12.98 14.40 -26.98
N ASP A 241 12.91 14.20 -25.66
CA ASP A 241 13.09 15.30 -24.71
C ASP A 241 14.52 15.39 -24.17
N PRO A 242 15.05 16.62 -23.95
CA PRO A 242 16.44 16.69 -23.48
C PRO A 242 16.63 16.31 -21.98
N ASP A 243 15.56 16.33 -21.20
CA ASP A 243 15.65 15.94 -19.79
C ASP A 243 14.85 14.66 -19.54
N PHE A 244 15.44 13.67 -18.89
CA PHE A 244 14.67 12.46 -18.57
C PHE A 244 15.45 11.62 -17.58
N VAL A 245 14.83 10.56 -17.08
CA VAL A 245 15.45 9.70 -16.09
C VAL A 245 15.41 8.23 -16.62
N PHE A 246 16.55 7.54 -16.72
CA PHE A 246 16.51 6.16 -17.21
C PHE A 246 17.08 5.23 -16.16
N ASP A 247 16.47 4.06 -16.02
CA ASP A 247 16.91 3.01 -15.13
C ASP A 247 17.70 1.96 -15.91
N VAL A 248 18.78 1.47 -15.32
CA VAL A 248 19.69 0.61 -16.04
C VAL A 248 20.09 -0.54 -15.14
N TYR A 249 20.12 -1.74 -15.74
CA TYR A 249 20.63 -2.95 -15.11
C TYR A 249 22.00 -3.35 -15.70
N ILE A 250 22.99 -3.51 -14.84
CA ILE A 250 24.33 -3.80 -15.32
C ILE A 250 24.78 -5.14 -14.74
N HIS A 251 25.12 -6.06 -15.64
CA HIS A 251 25.38 -7.44 -15.29
C HIS A 251 26.48 -7.97 -16.20
N LYS A 252 27.61 -8.33 -15.61
CA LYS A 252 28.75 -8.88 -16.34
C LYS A 252 29.12 -7.97 -17.50
N ASP A 253 29.38 -6.71 -17.16
CA ASP A 253 29.90 -5.68 -18.05
C ASP A 253 29.00 -5.41 -19.23
N ARG A 254 27.71 -5.57 -19.02
CA ARG A 254 26.72 -5.22 -20.03
C ARG A 254 25.57 -4.44 -19.42
N ALA A 255 25.21 -3.33 -20.07
CA ALA A 255 24.19 -2.41 -19.61
C ALA A 255 22.85 -2.67 -20.29
N TRP A 256 21.77 -2.71 -19.52
CA TRP A 256 20.44 -2.92 -20.07
C TRP A 256 19.55 -1.76 -19.71
N LEU A 257 18.90 -1.17 -20.70
CA LEU A 257 17.89 -0.16 -20.43
C LEU A 257 16.67 -0.86 -19.85
N ILE A 258 16.23 -0.44 -18.66
CA ILE A 258 15.08 -1.03 -17.97
C ILE A 258 13.78 -0.20 -18.05
N ASP A 259 13.92 1.13 -17.93
CA ASP A 259 12.71 1.98 -17.93
C ASP A 259 13.12 3.42 -18.21
N ILE A 260 12.15 4.25 -18.62
CA ILE A 260 12.39 5.69 -18.80
C ILE A 260 11.25 6.45 -18.18
N ASN A 261 11.59 7.51 -17.45
CA ASN A 261 10.58 8.26 -16.73
C ASN A 261 10.80 9.78 -16.88
N PRO A 262 9.74 10.58 -16.66
CA PRO A 262 9.93 12.01 -16.89
C PRO A 262 10.92 12.63 -15.89
N PHE A 263 11.62 13.66 -16.33
CA PHE A 263 12.42 14.48 -15.40
C PHE A 263 11.50 15.42 -14.61
N TYR A 264 11.00 14.92 -13.49
CA TYR A 264 9.90 15.55 -12.77
C TYR A 264 9.76 14.83 -11.44
N PRO A 265 9.40 15.53 -10.34
CA PRO A 265 9.47 14.94 -9.01
C PRO A 265 8.52 13.75 -8.74
N ARG A 266 7.55 13.52 -9.61
CA ARG A 266 6.76 12.29 -9.56
C ARG A 266 7.69 11.07 -9.75
N THR A 267 8.73 11.22 -10.56
CA THR A 267 9.79 10.21 -10.66
C THR A 267 10.62 10.20 -9.40
N ASP A 268 10.62 9.10 -8.65
CA ASP A 268 11.35 9.06 -7.38
C ASP A 268 12.84 9.37 -7.57
N GLY A 269 13.33 10.39 -6.85
CA GLY A 269 14.72 10.79 -6.91
C GLY A 269 15.66 9.88 -6.12
N LEU A 270 15.08 9.03 -5.28
CA LEU A 270 15.84 8.02 -4.55
C LEU A 270 16.91 8.70 -3.67
N LEU A 271 18.18 8.52 -3.97
CA LEU A 271 19.23 9.09 -3.13
C LEU A 271 19.48 10.57 -3.45
N PHE A 272 18.85 11.08 -4.50
CA PHE A 272 18.91 12.49 -4.83
C PHE A 272 17.56 13.17 -4.54
N SER A 273 17.59 14.45 -4.18
CA SER A 273 16.36 15.23 -4.10
C SER A 273 16.20 16.02 -5.38
N TRP A 274 14.96 16.37 -5.70
CA TRP A 274 14.69 17.14 -6.90
C TRP A 274 15.19 18.59 -6.78
N SER A 275 15.30 19.10 -5.56
CA SER A 275 15.95 20.41 -5.36
C SER A 275 17.34 20.42 -5.97
N GLU A 276 18.18 19.49 -5.53
CA GLU A 276 19.53 19.43 -6.08
C GLU A 276 19.56 19.04 -7.56
N LEU A 277 18.58 18.24 -8.02
CA LEU A 277 18.58 17.81 -9.43
C LEU A 277 18.27 19.00 -10.33
N GLU A 278 17.26 19.76 -9.97
CA GLU A 278 16.94 21.02 -10.66
C GLU A 278 18.14 21.97 -10.77
N SER A 279 18.91 22.07 -9.71
CA SER A 279 19.94 23.12 -9.68
C SER A 279 21.28 22.65 -10.24
N MET A 280 21.45 21.35 -10.40
CA MET A 280 22.73 20.85 -10.94
C MET A 280 23.07 21.42 -12.28
N ASN A 281 24.28 21.92 -12.41
CA ASN A 281 24.70 22.42 -13.70
C ASN A 281 24.99 21.26 -14.63
N SER A 282 24.43 21.32 -15.83
CA SER A 282 24.55 20.24 -16.81
C SER A 282 25.86 20.28 -17.61
N GLU A 283 26.66 21.33 -17.43
CA GLU A 283 27.89 21.47 -18.21
C GLU A 283 29.08 20.83 -17.51
N ASN A 284 28.82 20.29 -16.33
CA ASN A 284 29.85 19.61 -15.56
C ASN A 284 30.42 18.40 -16.31
N MET A 285 31.59 17.94 -15.88
CA MET A 285 32.20 16.80 -16.54
C MET A 285 31.81 15.48 -15.84
N LYS A 286 32.05 15.41 -14.54
CA LYS A 286 31.74 14.21 -13.76
C LYS A 286 30.30 14.27 -13.21
N PRO A 287 29.50 13.20 -13.46
CA PRO A 287 28.20 13.08 -12.81
C PRO A 287 28.36 12.91 -11.32
N GLU A 288 27.39 13.35 -10.53
CA GLU A 288 27.34 12.94 -9.15
C GLU A 288 26.89 11.49 -9.03
N ILE A 289 27.43 10.77 -8.05
CA ILE A 289 27.14 9.35 -7.88
C ILE A 289 26.86 9.08 -6.43
N ARG A 290 25.78 8.36 -6.13
CA ARG A 290 25.50 7.99 -4.75
C ARG A 290 25.13 6.51 -4.60
N LEU A 291 25.68 5.88 -3.58
CA LEU A 291 25.41 4.46 -3.32
C LEU A 291 24.87 4.34 -1.91
N ILE A 292 24.28 3.20 -1.60
CA ILE A 292 23.73 2.95 -0.26
C ILE A 292 24.84 2.69 0.75
N PRO A 293 24.84 3.48 1.86
CA PRO A 293 25.74 3.41 3.03
C PRO A 293 25.77 2.05 3.73
N LYS A 294 26.95 1.67 4.24
CA LYS A 294 27.15 0.39 4.94
C LYS A 294 26.35 0.28 6.24
N THR B 22 -5.07 18.31 29.94
CA THR B 22 -5.06 16.85 29.97
C THR B 22 -6.46 16.30 29.75
N LEU B 23 -6.55 15.24 28.95
CA LEU B 23 -7.82 14.62 28.63
C LEU B 23 -8.19 13.56 29.65
N ILE B 24 -9.48 13.30 29.78
CA ILE B 24 -9.95 12.18 30.58
C ILE B 24 -10.60 11.16 29.68
N LEU B 25 -10.72 9.93 30.18
CA LEU B 25 -11.43 8.88 29.48
C LEU B 25 -12.68 8.52 30.26
N THR B 26 -13.80 8.34 29.56
CA THR B 26 -15.04 7.90 30.18
C THR B 26 -15.47 6.51 29.72
N LYS B 27 -16.20 5.84 30.61
CA LYS B 27 -16.80 4.53 30.35
C LYS B 27 -17.52 4.47 29.00
N ASN B 28 -18.22 5.53 28.65
CA ASN B 28 -19.01 5.51 27.42
C ASN B 28 -18.13 5.63 26.18
N GLN B 29 -17.10 6.45 26.26
CA GLN B 29 -16.13 6.56 25.17
C GLN B 29 -15.64 5.17 24.77
N VAL B 30 -15.27 4.36 25.76
CA VAL B 30 -14.77 3.02 25.52
C VAL B 30 -15.82 2.11 24.90
N LEU B 31 -17.06 2.26 25.36
CA LEU B 31 -18.17 1.42 24.90
C LEU B 31 -18.54 1.73 23.45
N HIS B 32 -18.50 3.01 23.10
CA HIS B 32 -18.75 3.45 21.73
C HIS B 32 -17.78 2.83 20.72
N CYS B 33 -16.60 2.44 21.18
CA CYS B 33 -15.55 1.94 20.29
C CYS B 33 -15.57 0.41 20.14
N GLN B 34 -16.52 -0.26 20.76
CA GLN B 34 -16.69 -1.71 20.56
C GLN B 34 -17.09 -1.99 19.14
N PHE B 35 -16.61 -3.09 18.58
CA PHE B 35 -16.81 -3.38 17.17
C PHE B 35 -18.31 -3.44 16.85
N SER B 36 -19.07 -4.10 17.70
CA SER B 36 -20.52 -4.20 17.52
C SER B 36 -21.19 -2.82 17.53
N SER B 37 -20.64 -1.88 18.29
CA SER B 37 -21.27 -0.57 18.35
C SER B 37 -21.11 0.26 17.08
N TRP B 38 -20.12 -0.03 16.25
CA TRP B 38 -19.92 0.86 15.09
C TRP B 38 -19.95 0.11 13.77
N TYR B 39 -19.78 -1.21 13.79
CA TYR B 39 -19.94 -1.98 12.58
C TYR B 39 -21.36 -1.83 12.01
N SER B 40 -22.36 -1.79 12.89
CA SER B 40 -23.74 -1.57 12.44
C SER B 40 -23.90 -0.18 11.86
N LEU B 41 -23.32 0.83 12.52
CA LEU B 41 -23.34 2.18 11.98
C LEU B 41 -22.69 2.27 10.59
N PHE B 42 -21.59 1.56 10.38
CA PHE B 42 -20.74 1.79 9.20
C PHE B 42 -20.47 0.55 8.35
N ARG B 43 -21.39 -0.41 8.38
CA ARG B 43 -21.23 -1.67 7.65
C ARG B 43 -20.87 -1.50 6.17
N LYS B 44 -21.32 -0.40 5.58
CA LYS B 44 -21.09 -0.15 4.17
C LYS B 44 -19.70 0.43 3.88
N LEU B 45 -19.02 0.88 4.94
CA LEU B 45 -17.74 1.57 4.81
C LEU B 45 -16.56 0.68 5.20
N THR B 46 -16.85 -0.50 5.69
CA THR B 46 -15.88 -1.26 6.44
C THR B 46 -15.89 -2.68 5.93
N PRO B 47 -14.75 -3.38 5.97
CA PRO B 47 -14.73 -4.75 5.45
C PRO B 47 -15.70 -5.67 6.17
N LYS B 48 -16.21 -6.66 5.45
CA LYS B 48 -17.24 -7.56 5.96
C LYS B 48 -16.80 -8.32 7.21
N ALA B 49 -17.71 -8.46 8.15
CA ALA B 49 -17.44 -9.24 9.35
C ALA B 49 -18.71 -9.91 9.88
N LYS B 50 -18.53 -10.96 10.67
CA LYS B 50 -19.61 -11.53 11.48
C LYS B 50 -19.33 -11.29 12.95
N VAL B 51 -20.37 -11.03 13.72
CA VAL B 51 -20.21 -10.86 15.15
C VAL B 51 -21.05 -11.86 15.93
N ILE B 52 -20.37 -12.69 16.71
CA ILE B 52 -21.02 -13.58 17.65
C ILE B 52 -21.08 -12.90 19.03
N LYS B 53 -22.21 -12.26 19.31
CA LYS B 53 -22.41 -11.53 20.57
C LYS B 53 -23.71 -12.01 21.26
N PRO B 54 -23.61 -12.42 22.53
CA PRO B 54 -22.39 -12.37 23.34
C PRO B 54 -21.50 -13.56 23.05
N ILE B 55 -20.21 -13.42 23.34
CA ILE B 55 -19.27 -14.50 23.14
C ILE B 55 -19.78 -15.74 23.88
N PRO B 56 -19.68 -16.91 23.24
CA PRO B 56 -20.04 -18.15 23.94
C PRO B 56 -19.30 -18.26 25.27
N ALA B 57 -20.03 -18.60 26.32
CA ALA B 57 -19.48 -18.65 27.67
C ALA B 57 -18.24 -19.55 27.74
N THR B 58 -18.31 -20.64 26.99
CA THR B 58 -17.26 -21.65 26.96
C THR B 58 -16.00 -21.21 26.21
N VAL B 59 -16.14 -20.24 25.30
CA VAL B 59 -14.97 -19.66 24.65
C VAL B 59 -14.34 -18.61 25.56
N LEU B 60 -15.19 -17.81 26.21
CA LEU B 60 -14.72 -16.81 27.17
C LEU B 60 -13.91 -17.47 28.28
N LYS B 61 -14.42 -18.59 28.79
CA LYS B 61 -13.75 -19.35 29.84
C LYS B 61 -12.38 -19.83 29.37
N TYR B 62 -12.33 -20.30 28.13
CA TYR B 62 -11.09 -20.81 27.56
C TYR B 62 -10.04 -19.71 27.36
N LEU B 63 -10.51 -18.50 27.05
CA LEU B 63 -9.60 -17.43 26.71
C LEU B 63 -9.01 -16.72 27.93
N HIS B 64 -9.22 -17.28 29.12
CA HIS B 64 -8.73 -16.64 30.35
C HIS B 64 -7.51 -17.35 30.99
N GLU B 65 -7.19 -18.56 30.53
CA GLU B 65 -6.07 -19.29 31.11
C GLU B 65 -4.72 -18.69 30.68
N ASP B 66 -3.80 -18.53 31.62
CA ASP B 66 -2.53 -17.85 31.34
C ASP B 66 -1.30 -18.78 31.34
N SER B 67 -1.51 -20.06 31.02
CA SER B 67 -0.39 -20.99 30.85
C SER B 67 0.48 -20.53 29.69
N ILE B 68 1.80 -20.51 29.90
CA ILE B 68 2.72 -20.19 28.82
C ILE B 68 2.94 -21.40 27.91
N TYR B 69 2.79 -22.60 28.48
CA TYR B 69 3.08 -23.85 27.78
C TYR B 69 2.06 -24.14 26.69
N TYR B 92 -8.53 -27.24 29.59
CA TYR B 92 -9.91 -26.98 29.18
C TYR B 92 -9.98 -26.52 27.72
N TYR B 93 -11.17 -26.59 27.12
CA TYR B 93 -11.38 -26.24 25.71
C TYR B 93 -12.86 -25.96 25.43
N PRO B 94 -13.15 -25.00 24.54
CA PRO B 94 -14.54 -24.71 24.22
C PRO B 94 -15.26 -25.95 23.66
N GLU B 95 -16.58 -25.87 23.58
CA GLU B 95 -17.37 -27.05 23.23
C GLU B 95 -17.79 -27.06 21.77
N ARG B 96 -18.02 -28.28 21.27
CA ARG B 96 -18.34 -28.57 19.87
C ARG B 96 -19.36 -27.62 19.24
N GLU B 97 -20.35 -27.19 20.03
CA GLU B 97 -21.39 -26.30 19.51
C GLU B 97 -20.82 -24.93 19.22
N ALA B 98 -20.09 -24.38 20.18
CA ALA B 98 -19.38 -23.11 20.01
C ALA B 98 -18.32 -23.22 18.90
N ILE B 99 -17.66 -24.37 18.80
CA ILE B 99 -16.68 -24.60 17.75
C ILE B 99 -17.32 -24.67 16.37
N GLN B 100 -18.50 -25.29 16.29
CA GLN B 100 -19.20 -25.40 15.02
C GLN B 100 -19.79 -24.05 14.61
N LEU B 101 -20.06 -23.21 15.58
CA LEU B 101 -20.59 -21.88 15.32
C LEU B 101 -19.51 -20.94 14.74
N ILE B 102 -18.32 -20.98 15.32
CA ILE B 102 -17.17 -20.29 14.77
C ILE B 102 -16.92 -20.77 13.35
N GLU B 103 -16.95 -22.08 13.18
CA GLU B 103 -16.62 -22.67 11.90
C GLU B 103 -17.67 -22.35 10.85
N LYS B 104 -18.90 -22.15 11.30
CA LYS B 104 -19.97 -21.74 10.40
C LYS B 104 -19.68 -20.35 9.86
N ALA B 105 -19.43 -19.42 10.77
CA ALA B 105 -19.10 -18.04 10.42
C ALA B 105 -17.93 -17.97 9.44
N ILE B 106 -16.93 -18.82 9.62
CA ILE B 106 -15.75 -18.80 8.76
C ILE B 106 -16.11 -19.18 7.33
N LYS B 107 -17.03 -20.14 7.17
CA LYS B 107 -17.48 -20.53 5.84
C LYS B 107 -18.31 -19.42 5.22
N GLU B 108 -19.16 -18.81 6.03
CA GLU B 108 -20.00 -17.73 5.55
C GLU B 108 -19.19 -16.54 5.04
N LEU B 109 -17.99 -16.36 5.59
CA LEU B 109 -17.14 -15.22 5.25
C LEU B 109 -16.15 -15.54 4.15
N GLY B 110 -16.20 -16.76 3.62
CA GLY B 110 -15.40 -17.11 2.48
C GLY B 110 -14.25 -18.07 2.78
N GLY B 111 -14.18 -18.54 4.02
CA GLY B 111 -13.14 -19.49 4.40
C GLY B 111 -11.89 -18.94 5.11
N ALA B 112 -11.73 -17.62 5.16
CA ALA B 112 -10.59 -17.03 5.87
C ALA B 112 -10.98 -15.77 6.65
N VAL B 113 -10.62 -15.74 7.92
CA VAL B 113 -11.00 -14.64 8.80
C VAL B 113 -9.84 -14.08 9.62
N VAL B 114 -10.05 -12.89 10.17
CA VAL B 114 -9.19 -12.36 11.21
C VAL B 114 -10.03 -12.13 12.44
N PRO B 115 -9.72 -12.83 13.54
CA PRO B 115 -10.50 -12.74 14.77
C PRO B 115 -10.06 -11.61 15.70
N LYS B 116 -11.00 -11.08 16.48
CA LYS B 116 -10.72 -10.13 17.54
C LYS B 116 -11.88 -10.17 18.52
N LEU B 117 -11.73 -9.55 19.69
CA LEU B 117 -12.86 -9.29 20.56
C LEU B 117 -13.32 -7.85 20.36
N ASN B 118 -13.90 -7.25 21.40
CA ASN B 118 -14.55 -5.95 21.22
C ASN B 118 -13.64 -4.84 20.66
N TRP B 119 -12.38 -4.78 21.05
CA TRP B 119 -11.56 -3.64 20.60
C TRP B 119 -10.30 -4.03 19.80
N SER B 120 -9.57 -5.03 20.28
CA SER B 120 -8.18 -5.15 19.85
C SER B 120 -7.88 -6.33 18.97
N THR B 121 -7.46 -6.06 17.73
CA THR B 121 -6.92 -7.09 16.85
C THR B 121 -5.61 -7.66 17.40
N PRO B 122 -5.49 -8.99 17.46
CA PRO B 122 -4.26 -9.61 17.97
C PRO B 122 -3.08 -9.44 17.02
N LYS B 123 -2.49 -8.25 16.97
CA LYS B 123 -1.40 -7.95 16.04
C LYS B 123 -0.06 -8.62 16.40
N ASP B 124 0.00 -9.35 17.52
CA ASP B 124 1.21 -10.10 17.86
C ASP B 124 1.11 -11.55 17.38
N ALA B 125 0.68 -11.74 16.14
CA ALA B 125 0.49 -13.07 15.57
C ALA B 125 1.81 -13.69 15.15
N LEU B 126 2.80 -12.85 14.91
CA LEU B 126 4.09 -13.33 14.45
C LEU B 126 4.73 -14.35 15.41
N TRP B 127 4.39 -14.28 16.70
CA TRP B 127 4.91 -15.21 17.70
C TRP B 127 3.96 -16.36 17.98
N ILE B 128 2.73 -16.25 17.47
CA ILE B 128 1.72 -17.25 17.82
C ILE B 128 1.50 -18.29 16.72
N THR B 129 1.39 -17.83 15.47
CA THR B 129 0.87 -18.68 14.41
C THR B 129 1.95 -19.38 13.62
N THR B 130 1.61 -20.55 13.08
CA THR B 130 2.58 -21.34 12.34
C THR B 130 3.02 -20.64 11.05
N THR B 131 2.35 -19.55 10.71
CA THR B 131 2.60 -18.82 9.47
C THR B 131 3.04 -17.37 9.69
N GLY B 132 2.86 -16.85 10.91
CA GLY B 132 3.15 -15.46 11.21
C GLY B 132 2.16 -14.54 10.53
N SER B 133 0.95 -15.06 10.32
CA SER B 133 -0.11 -14.33 9.69
C SER B 133 -1.32 -14.35 10.60
N LEU B 134 -2.17 -13.34 10.49
CA LEU B 134 -3.41 -13.30 11.28
C LEU B 134 -4.49 -14.18 10.64
N LYS B 135 -4.23 -14.63 9.42
CA LYS B 135 -5.20 -15.41 8.65
C LYS B 135 -5.52 -16.73 9.33
N CYS B 136 -6.80 -16.94 9.66
CA CYS B 136 -7.27 -18.22 10.18
C CYS B 136 -8.30 -18.87 9.26
N THR B 137 -8.21 -20.18 9.10
CA THR B 137 -9.15 -20.93 8.28
C THR B 137 -9.97 -21.93 9.10
N THR B 138 -9.59 -22.13 10.36
CA THR B 138 -10.29 -23.04 11.26
C THR B 138 -10.66 -22.35 12.56
N ALA B 139 -11.57 -22.95 13.31
CA ALA B 139 -11.94 -22.45 14.63
C ALA B 139 -10.75 -22.60 15.60
N GLU B 140 -9.99 -23.67 15.40
CA GLU B 140 -8.82 -23.96 16.22
C GLU B 140 -7.78 -22.83 16.12
N GLU B 141 -7.39 -22.48 14.90
CA GLU B 141 -6.48 -21.36 14.66
C GLU B 141 -7.00 -20.05 15.26
N VAL B 142 -8.29 -19.81 15.12
CA VAL B 142 -8.92 -18.64 15.71
C VAL B 142 -8.70 -18.63 17.23
N LEU B 143 -9.01 -19.76 17.86
CA LEU B 143 -8.92 -19.88 19.31
C LEU B 143 -7.47 -19.83 19.79
N LEU B 144 -6.57 -20.44 19.02
CA LEU B 144 -5.15 -20.37 19.33
C LEU B 144 -4.67 -18.92 19.35
N LEU B 145 -4.96 -18.18 18.28
CA LEU B 145 -4.52 -16.81 18.12
C LEU B 145 -5.11 -15.89 19.21
N LEU B 146 -6.39 -16.07 19.52
CA LEU B 146 -7.02 -15.21 20.52
C LEU B 146 -6.49 -15.48 21.94
N LYS B 147 -6.34 -16.76 22.30
CA LYS B 147 -5.88 -17.14 23.63
C LYS B 147 -4.45 -16.65 23.90
N SER B 148 -3.62 -16.69 22.86
CA SER B 148 -2.20 -16.41 23.01
C SER B 148 -1.84 -14.96 22.75
N SER B 149 -2.83 -14.09 22.62
CA SER B 149 -2.53 -12.70 22.28
C SER B 149 -2.59 -11.80 23.49
N ASP B 150 -1.68 -10.82 23.52
CA ASP B 150 -1.60 -9.82 24.57
C ASP B 150 -2.70 -8.80 24.40
N PHE B 151 -3.10 -8.59 23.16
CA PHE B 151 -4.08 -7.56 22.86
C PHE B 151 -5.46 -8.00 23.33
N VAL B 152 -5.76 -9.26 23.05
CA VAL B 152 -6.99 -9.87 23.51
C VAL B 152 -7.06 -9.86 25.03
N ALA B 153 -5.96 -10.23 25.69
CA ALA B 153 -5.91 -10.22 27.14
C ALA B 153 -6.19 -8.82 27.71
N HIS B 154 -5.71 -7.80 27.00
CA HIS B 154 -5.95 -6.42 27.44
C HIS B 154 -7.45 -6.12 27.44
N ASP B 155 -8.11 -6.45 26.33
CA ASP B 155 -9.55 -6.35 26.21
C ASP B 155 -10.28 -7.03 27.38
N LEU B 156 -9.80 -8.20 27.78
CA LEU B 156 -10.49 -8.99 28.79
C LEU B 156 -10.25 -8.47 30.23
N ASN B 157 -9.13 -7.82 30.51
CA ASN B 157 -8.80 -7.43 31.89
C ASN B 157 -8.59 -5.94 32.18
N HIS B 158 -8.40 -5.13 31.15
CA HIS B 158 -7.96 -3.77 31.39
C HIS B 158 -8.72 -2.75 30.56
N ALA B 159 -9.79 -3.20 29.90
CA ALA B 159 -10.55 -2.38 28.97
C ALA B 159 -11.01 -1.06 29.60
N PHE B 160 -11.50 -1.11 30.84
CA PHE B 160 -12.06 0.10 31.44
C PHE B 160 -11.14 0.72 32.48
N ASP B 161 -9.84 0.40 32.41
CA ASP B 161 -8.87 0.75 33.44
C ASP B 161 -8.72 2.25 33.66
N ASP B 162 -8.77 3.04 32.60
CA ASP B 162 -8.48 4.47 32.71
C ASP B 162 -9.74 5.31 32.88
N CYS B 163 -10.89 4.65 33.04
CA CYS B 163 -12.17 5.37 33.05
C CYS B 163 -12.47 6.03 34.39
N LYS B 164 -12.53 7.35 34.33
CA LYS B 164 -12.84 8.20 35.47
C LYS B 164 -14.14 7.79 36.13
N ASP B 165 -15.20 7.78 35.32
CA ASP B 165 -16.57 7.63 35.79
C ASP B 165 -16.97 6.19 36.08
N PHE B 166 -15.99 5.32 36.29
CA PHE B 166 -16.29 3.92 36.55
C PHE B 166 -15.11 3.24 37.22
N ASP B 167 -15.29 2.79 38.45
CA ASP B 167 -14.21 2.11 39.16
C ASP B 167 -14.21 0.61 38.84
N ASN B 168 -13.04 0.00 39.04
CA ASN B 168 -12.67 -1.21 38.32
C ASN B 168 -12.16 -2.41 39.13
N ALA B 169 -12.29 -2.37 40.45
CA ALA B 169 -11.84 -3.49 41.28
C ALA B 169 -12.68 -4.74 41.04
N GLY B 171 -16.59 -4.25 40.00
CA GLY B 171 -16.85 -5.54 39.39
C GLY B 171 -16.22 -5.71 38.01
N SER B 172 -15.92 -4.58 37.37
CA SER B 172 -15.08 -4.45 36.17
C SER B 172 -15.81 -4.55 34.80
N VAL B 173 -17.13 -4.71 34.79
CA VAL B 173 -17.89 -4.48 33.56
C VAL B 173 -19.15 -3.67 33.86
N PRO B 174 -19.49 -2.71 33.00
CA PRO B 174 -20.74 -1.98 33.15
C PRO B 174 -21.95 -2.89 32.93
N LYS B 175 -23.14 -2.37 33.22
CA LYS B 175 -24.35 -3.16 33.01
C LYS B 175 -24.60 -3.34 31.51
N ASP B 176 -25.10 -4.53 31.15
CA ASP B 176 -25.46 -4.88 29.77
C ASP B 176 -24.26 -4.99 28.84
N PHE B 177 -23.06 -4.93 29.42
CA PHE B 177 -21.86 -5.19 28.65
C PHE B 177 -21.69 -6.69 28.46
N SER B 178 -21.25 -7.07 27.27
CA SER B 178 -20.86 -8.45 27.02
C SER B 178 -19.61 -8.48 26.15
N PHE B 179 -18.80 -9.51 26.30
CA PHE B 179 -17.72 -9.74 25.34
C PHE B 179 -18.29 -10.35 24.07
N GLU B 180 -17.70 -9.98 22.93
CA GLU B 180 -18.17 -10.44 21.64
C GLU B 180 -17.01 -11.00 20.84
N LEU B 181 -17.28 -12.01 20.02
CA LEU B 181 -16.27 -12.60 19.15
C LEU B 181 -16.46 -12.16 17.70
N VAL B 182 -15.55 -11.31 17.21
CA VAL B 182 -15.64 -10.75 15.86
C VAL B 182 -14.80 -11.60 14.90
N LEU B 183 -15.40 -11.95 13.77
CA LEU B 183 -14.67 -12.62 12.72
C LEU B 183 -14.71 -11.71 11.50
N LYS B 184 -13.57 -11.10 11.15
CA LYS B 184 -13.51 -10.24 9.98
C LYS B 184 -13.10 -11.07 8.79
N GLU B 185 -13.70 -10.83 7.64
CA GLU B 185 -13.26 -11.53 6.44
C GLU B 185 -11.82 -11.13 6.13
N TRP B 186 -10.98 -12.13 5.89
CA TRP B 186 -9.58 -11.87 5.56
C TRP B 186 -9.42 -11.38 4.12
N PHE B 187 -8.53 -10.42 3.93
CA PHE B 187 -8.12 -9.98 2.62
C PHE B 187 -6.65 -9.59 2.62
N PRO B 188 -5.95 -9.78 1.50
CA PRO B 188 -4.57 -9.31 1.34
C PRO B 188 -4.50 -7.80 1.47
N MET B 189 -3.44 -7.30 2.09
CA MET B 189 -3.44 -5.89 2.44
C MET B 189 -2.07 -5.22 2.23
N HIS B 190 -2.04 -4.14 1.47
CA HIS B 190 -0.81 -3.36 1.38
C HIS B 190 -0.65 -2.62 2.69
N ALA B 191 0.37 -2.99 3.45
CA ALA B 191 0.53 -2.49 4.83
C ALA B 191 0.83 -0.98 4.94
N SER B 192 1.34 -0.38 3.86
CA SER B 192 1.78 1.01 3.93
C SER B 192 0.78 1.99 3.34
N THR B 193 -0.45 1.54 3.15
CA THR B 193 -1.52 2.45 2.74
C THR B 193 -2.66 2.43 3.79
N GLU B 194 -2.27 2.23 5.04
CA GLU B 194 -3.12 2.44 6.21
C GLU B 194 -2.76 3.73 6.93
N PHE B 195 -3.76 4.50 7.34
CA PHE B 195 -3.52 5.71 8.15
C PHE B 195 -4.29 5.71 9.46
N ARG B 196 -3.76 6.44 10.44
CA ARG B 196 -4.48 6.69 11.67
C ARG B 196 -4.86 8.17 11.68
N CYS B 197 -6.14 8.44 11.94
CA CYS B 197 -6.70 9.75 11.71
C CYS B 197 -7.34 10.31 12.97
N PHE B 198 -6.92 11.51 13.37
CA PHE B 198 -7.31 12.04 14.66
C PHE B 198 -8.41 13.09 14.52
N VAL B 199 -9.51 12.89 15.25
CA VAL B 199 -10.69 13.76 15.16
C VAL B 199 -10.95 14.51 16.46
N LYS B 200 -11.06 15.83 16.39
CA LYS B 200 -11.35 16.65 17.58
C LYS B 200 -12.41 17.69 17.27
N SER B 201 -13.55 17.63 17.96
CA SER B 201 -14.73 18.43 17.62
C SER B 201 -15.17 18.18 16.19
N LYS B 202 -15.29 16.91 15.83
CA LYS B 202 -15.80 16.50 14.51
C LYS B 202 -14.95 17.04 13.35
N ARG B 203 -13.77 17.56 13.67
CA ARG B 203 -12.79 18.00 12.68
C ARG B 203 -11.62 17.03 12.57
N LEU B 204 -11.11 16.84 11.35
CA LEU B 204 -9.87 16.11 11.14
C LEU B 204 -8.70 17.02 11.44
N ILE B 205 -8.08 16.86 12.61
CA ILE B 205 -7.01 17.76 12.99
C ILE B 205 -5.68 17.24 12.53
N ALA B 206 -5.59 15.93 12.31
CA ALA B 206 -4.33 15.33 11.91
C ALA B 206 -4.52 13.89 11.44
N PHE B 207 -3.60 13.44 10.58
CA PHE B 207 -3.45 12.01 10.36
C PHE B 207 -2.01 11.67 10.02
N CYS B 208 -1.67 10.41 10.15
CA CYS B 208 -0.33 9.93 9.88
C CYS B 208 -0.35 8.52 9.34
N GLN B 209 0.74 8.14 8.68
CA GLN B 209 0.96 6.78 8.24
C GLN B 209 0.92 5.84 9.44
N ARG B 210 0.40 4.62 9.23
CA ARG B 210 0.13 3.69 10.32
C ARG B 210 1.30 2.76 10.62
N ASP B 211 1.93 2.21 9.59
CA ASP B 211 3.12 1.38 9.77
C ASP B 211 4.36 2.27 9.82
N ASP B 212 5.56 1.68 9.74
CA ASP B 212 6.77 2.49 9.80
C ASP B 212 7.80 2.12 8.75
N ASN B 213 7.35 1.71 7.58
CA ASN B 213 8.21 1.59 6.42
C ASN B 213 7.98 2.73 5.44
N TYR B 214 9.02 3.49 5.15
CA TYR B 214 8.94 4.55 4.14
C TYR B 214 8.39 4.00 2.83
N TYR B 215 7.52 4.80 2.20
CA TYR B 215 6.86 4.41 0.96
C TYR B 215 6.64 5.70 0.19
N GLU B 216 7.45 5.90 -0.84
CA GLU B 216 7.54 7.20 -1.49
C GLU B 216 6.22 7.59 -2.14
N PHE B 217 5.47 6.59 -2.57
CA PHE B 217 4.15 6.81 -3.18
C PHE B 217 3.24 7.72 -2.34
N LEU B 218 3.35 7.64 -1.03
CA LEU B 218 2.48 8.41 -0.12
C LEU B 218 2.70 9.93 -0.24
N LYS B 219 3.93 10.41 -0.12
CA LYS B 219 4.22 11.85 -0.27
C LYS B 219 3.69 12.37 -1.60
N GLU B 220 3.87 11.56 -2.64
CA GLU B 220 3.52 11.95 -4.01
C GLU B 220 2.04 12.12 -4.28
N ASN B 221 1.22 11.53 -3.41
CA ASN B 221 -0.21 11.47 -3.65
C ASN B 221 -1.02 11.86 -2.42
N ILE B 222 -0.40 12.60 -1.51
CA ILE B 222 -0.98 12.86 -0.21
C ILE B 222 -2.27 13.68 -0.25
N ASP B 223 -2.40 14.59 -1.22
CA ASP B 223 -3.64 15.38 -1.35
C ASP B 223 -4.82 14.47 -1.66
N CYS B 224 -4.58 13.49 -2.54
CA CYS B 224 -5.60 12.52 -2.89
C CYS B 224 -5.98 11.69 -1.67
N TYR B 225 -4.98 11.27 -0.90
CA TYR B 225 -5.24 10.55 0.35
C TYR B 225 -6.02 11.39 1.36
N GLU B 226 -5.55 12.61 1.62
CA GLU B 226 -6.22 13.52 2.54
C GLU B 226 -7.68 13.69 2.14
N LYS B 227 -7.93 13.82 0.85
CA LYS B 227 -9.27 14.00 0.32
C LYS B 227 -10.18 12.81 0.62
N LEU B 228 -9.68 11.61 0.39
CA LEU B 228 -10.47 10.42 0.66
C LEU B 228 -10.69 10.22 2.15
N ILE B 229 -9.72 10.67 2.94
CA ILE B 229 -9.83 10.53 4.39
C ILE B 229 -10.90 11.48 4.94
N SER B 230 -10.91 12.74 4.46
CA SER B 230 -11.89 13.70 4.95
C SER B 230 -13.27 13.38 4.41
N ASP B 231 -13.34 12.85 3.19
CA ASP B 231 -14.60 12.33 2.67
C ASP B 231 -15.15 11.21 3.55
N LEU B 232 -14.26 10.39 4.11
CA LEU B 232 -14.71 9.33 4.99
C LEU B 232 -15.21 9.93 6.30
N LEU B 233 -14.50 10.92 6.83
CA LEU B 233 -14.89 11.52 8.10
C LEU B 233 -16.32 12.03 8.03
N LYS B 234 -16.72 12.55 6.87
CA LYS B 234 -18.08 13.05 6.67
C LYS B 234 -19.13 11.96 6.74
N LYS B 235 -18.73 10.72 6.47
CA LYS B 235 -19.66 9.60 6.53
C LYS B 235 -19.62 8.89 7.88
N LEU B 236 -18.89 9.46 8.84
CA LEU B 236 -18.89 8.91 10.20
C LEU B 236 -19.71 9.83 11.12
N ASP B 237 -20.69 10.52 10.53
CA ASP B 237 -21.56 11.47 11.23
C ASP B 237 -22.34 10.86 12.41
N THR B 238 -22.66 9.57 12.32
CA THR B 238 -23.43 8.92 13.36
C THR B 238 -22.58 8.45 14.54
N PHE B 239 -21.27 8.67 14.51
CA PHE B 239 -20.47 8.28 15.66
C PHE B 239 -20.75 9.27 16.78
N PRO B 240 -21.10 8.73 17.96
CA PRO B 240 -21.59 9.49 19.12
C PRO B 240 -20.63 10.53 19.72
N ASP B 241 -19.32 10.34 19.63
CA ASP B 241 -18.42 11.31 20.28
C ASP B 241 -17.90 12.37 19.29
N PRO B 242 -17.60 13.59 19.79
CA PRO B 242 -16.98 14.64 18.98
C PRO B 242 -15.48 14.42 18.74
N ASP B 243 -14.84 13.72 19.67
CA ASP B 243 -13.42 13.40 19.55
C ASP B 243 -13.21 11.89 19.46
N PHE B 244 -12.41 11.44 18.49
CA PHE B 244 -12.08 10.01 18.39
C PHE B 244 -10.96 9.77 17.39
N VAL B 245 -10.57 8.51 17.22
CA VAL B 245 -9.46 8.19 16.33
C VAL B 245 -9.86 7.02 15.44
N PHE B 246 -9.85 7.19 14.12
CA PHE B 246 -10.19 6.04 13.26
C PHE B 246 -9.01 5.65 12.38
N ASP B 247 -8.88 4.34 12.12
CA ASP B 247 -7.88 3.82 11.18
C ASP B 247 -8.54 3.50 9.83
N VAL B 248 -7.87 3.87 8.75
CA VAL B 248 -8.41 3.69 7.41
C VAL B 248 -7.41 2.95 6.51
N TYR B 249 -7.88 1.98 5.75
CA TYR B 249 -7.09 1.38 4.69
C TYR B 249 -7.54 1.96 3.38
N ILE B 250 -6.62 2.52 2.63
CA ILE B 250 -6.97 3.11 1.34
C ILE B 250 -6.27 2.33 0.24
N HIS B 251 -7.03 1.94 -0.76
CA HIS B 251 -6.56 1.04 -1.80
C HIS B 251 -7.27 1.41 -3.07
N LYS B 252 -6.51 1.71 -4.11
CA LYS B 252 -7.06 2.04 -5.41
C LYS B 252 -8.14 3.11 -5.31
N ASP B 253 -7.82 4.21 -4.62
CA ASP B 253 -8.72 5.37 -4.49
C ASP B 253 -10.07 5.05 -3.79
N ARG B 254 -10.05 4.08 -2.88
CA ARG B 254 -11.23 3.82 -2.08
C ARG B 254 -10.85 3.62 -0.61
N ALA B 255 -11.47 4.41 0.26
CA ALA B 255 -11.19 4.34 1.69
C ALA B 255 -12.07 3.31 2.41
N TRP B 256 -11.43 2.54 3.28
CA TRP B 256 -12.10 1.52 4.08
C TRP B 256 -11.82 1.80 5.55
N LEU B 257 -12.88 1.88 6.35
CA LEU B 257 -12.73 2.08 7.77
C LEU B 257 -12.31 0.77 8.40
N ILE B 258 -11.28 0.81 9.24
CA ILE B 258 -10.75 -0.42 9.81
C ILE B 258 -10.99 -0.51 11.33
N ASP B 259 -10.90 0.60 12.04
CA ASP B 259 -11.02 0.58 13.48
C ASP B 259 -11.38 1.97 13.98
N ILE B 260 -11.95 2.04 15.18
CA ILE B 260 -12.17 3.32 15.85
C ILE B 260 -11.73 3.20 17.29
N ASN B 261 -10.99 4.19 17.77
CA ASN B 261 -10.44 4.16 19.12
C ASN B 261 -10.63 5.50 19.82
N PRO B 262 -10.60 5.51 21.16
CA PRO B 262 -10.83 6.75 21.91
C PRO B 262 -9.76 7.82 21.69
N PHE B 263 -10.18 9.07 21.73
CA PHE B 263 -9.27 10.20 21.70
C PHE B 263 -8.61 10.35 23.09
N TYR B 264 -7.62 9.50 23.33
CA TYR B 264 -7.02 9.34 24.65
C TYR B 264 -5.65 8.72 24.48
N PRO B 265 -4.67 9.17 25.27
CA PRO B 265 -3.27 8.79 25.10
C PRO B 265 -3.00 7.29 25.06
N ARG B 266 -3.98 6.46 25.40
CA ARG B 266 -3.82 5.01 25.34
C ARG B 266 -4.04 4.50 23.91
N THR B 267 -4.70 5.32 23.09
CA THR B 267 -4.63 5.12 21.66
C THR B 267 -3.26 5.65 21.22
N ASP B 268 -2.43 4.78 20.65
CA ASP B 268 -1.08 5.19 20.26
C ASP B 268 -1.11 6.35 19.28
N GLY B 269 -0.41 7.44 19.61
CA GLY B 269 -0.36 8.59 18.74
C GLY B 269 0.52 8.40 17.52
N LEU B 270 1.29 7.31 17.51
CA LEU B 270 2.18 6.94 16.39
C LEU B 270 3.23 8.02 16.08
N LEU B 271 3.08 8.70 14.94
CA LEU B 271 3.99 9.78 14.58
C LEU B 271 3.65 11.07 15.30
N PHE B 272 2.58 11.05 16.10
CA PHE B 272 2.17 12.22 16.88
C PHE B 272 2.24 11.97 18.38
N SER B 273 2.59 13.02 19.12
CA SER B 273 2.49 13.01 20.58
C SER B 273 1.12 13.50 20.98
N TRP B 274 0.63 13.07 22.13
CA TRP B 274 -0.66 13.58 22.58
C TRP B 274 -0.53 15.01 23.09
N SER B 275 0.68 15.42 23.46
CA SER B 275 0.95 16.85 23.66
C SER B 275 0.46 17.65 22.46
N GLU B 276 1.06 17.35 21.32
CA GLU B 276 0.71 18.00 20.06
C GLU B 276 -0.76 17.90 19.73
N LEU B 277 -1.31 16.69 19.87
CA LEU B 277 -2.70 16.46 19.52
C LEU B 277 -3.64 17.27 20.41
N GLU B 278 -3.32 17.34 21.71
CA GLU B 278 -4.17 18.08 22.64
C GLU B 278 -4.11 19.57 22.37
N SER B 279 -2.95 20.06 21.90
CA SER B 279 -2.76 21.49 21.66
C SER B 279 -2.90 21.89 20.19
N MET B 280 -3.51 21.02 19.40
CA MET B 280 -3.78 21.35 18.00
C MET B 280 -5.07 22.13 17.87
N ASN B 281 -5.03 23.18 17.06
CA ASN B 281 -6.21 24.01 16.82
C ASN B 281 -7.27 23.28 16.00
N SER B 282 -8.41 22.97 16.63
CA SER B 282 -9.48 22.24 15.96
C SER B 282 -10.15 23.03 14.83
N GLU B 283 -10.12 24.36 14.95
CA GLU B 283 -10.71 25.24 13.95
C GLU B 283 -9.80 25.45 12.74
N ASN B 284 -8.55 25.03 12.87
CA ASN B 284 -7.59 25.12 11.77
C ASN B 284 -8.13 24.41 10.53
N MET B 285 -7.82 24.97 9.37
CA MET B 285 -8.45 24.53 8.13
C MET B 285 -7.82 23.24 7.59
N LYS B 286 -6.49 23.18 7.59
CA LYS B 286 -5.78 22.03 7.04
C LYS B 286 -5.28 21.10 8.16
N PRO B 287 -5.53 19.80 8.01
CA PRO B 287 -5.01 18.80 8.95
C PRO B 287 -3.49 18.71 8.91
N GLU B 288 -2.88 18.40 10.04
CA GLU B 288 -1.44 18.18 10.09
C GLU B 288 -1.15 16.76 9.64
N ILE B 289 -0.10 16.57 8.83
CA ILE B 289 0.14 15.26 8.22
C ILE B 289 1.56 14.78 8.45
N ARG B 290 1.71 13.53 8.86
CA ARG B 290 3.04 13.00 9.05
C ARG B 290 3.20 11.61 8.42
N LEU B 291 4.26 11.47 7.64
CA LEU B 291 4.60 10.22 6.97
C LEU B 291 5.97 9.75 7.40
N ILE B 292 6.24 8.47 7.24
CA ILE B 292 7.58 7.96 7.48
C ILE B 292 8.54 8.56 6.45
N PRO B 293 9.62 9.19 6.92
CA PRO B 293 10.58 9.88 6.06
C PRO B 293 11.65 8.96 5.46
N LYS B 294 12.42 9.51 4.51
CA LYS B 294 13.67 8.91 4.03
C LYS B 294 13.48 7.56 3.34
#